data_6UED
#
_entry.id   6UED
#
_cell.length_a   104.755
_cell.length_b   104.755
_cell.length_c   94.305
_cell.angle_alpha   90.000
_cell.angle_beta   90.000
_cell.angle_gamma   120.000
#
_symmetry.space_group_name_H-M   'H 3'
#
loop_
_entity.id
_entity.type
_entity.pdbx_description
1 polymer 'UDP-3-O-acylglucosamine N-acyltransferase'
2 non-polymer GLYCEROL
3 non-polymer 'MAGNESIUM ION'
4 water water
#
_entity_poly.entity_id   1
_entity_poly.type   'polypeptide(L)'
_entity_poly.pdbx_seq_one_letter_code
;MHHHHHHSSGRENLYFQGSTLSYTLGQLAAHVGAEVRGDADLPIQGLATLQEAGPAQLSFLANPQYRKYLPESRAGAVLL
TAADADGFAGTALVVANPYLAYASLSHLFDRKPKAAAGIHPTAIVAADAEVDPSASVGAYAVIESGARIGAGVSIGAHCV
IGARSVIGEGGWLAPRVTLYHDVTIGARVSIQSGAVIGGEGFGFANEKGVWQKIAQIGGVTIGDDVEIGANTTIDRGALS
DTLIGNGVKLDNQIMIAHNVQIGDHTAMAACVGISGSAKIGRHCMLAGGVGLVGHIEICDNVFVTGMTMVTRSITEPGSY
SSGTAMQPAAEWKKSAARIRQLDDMARRLQQLEKRLAAVTSSGDASSDA
;
_entity_poly.pdbx_strand_id   A
#
# COMPACT_ATOMS: atom_id res chain seq x y z
N SER A 19 -26.19 -12.57 15.30
CA SER A 19 -26.93 -11.78 14.28
C SER A 19 -25.93 -11.18 13.29
N THR A 20 -26.11 -11.44 12.00
CA THR A 20 -25.18 -11.02 10.94
C THR A 20 -25.62 -9.68 10.34
N LEU A 21 -24.66 -8.87 9.86
CA LEU A 21 -24.85 -7.63 9.09
C LEU A 21 -25.76 -7.92 7.90
N SER A 22 -26.73 -7.06 7.67
CA SER A 22 -27.72 -7.22 6.59
C SER A 22 -28.19 -5.83 6.17
N TYR A 23 -28.32 -5.65 4.87
CA TYR A 23 -28.84 -4.40 4.28
C TYR A 23 -29.75 -4.76 3.12
N THR A 24 -30.74 -3.90 2.82
CA THR A 24 -31.52 -4.10 1.61
C THR A 24 -30.77 -3.57 0.41
N LEU A 25 -31.09 -4.07 -0.77
CA LEU A 25 -30.55 -3.54 -2.03
C LEU A 25 -30.78 -2.03 -2.09
N GLY A 26 -31.92 -1.56 -1.55
CA GLY A 26 -32.22 -0.11 -1.54
C GLY A 26 -31.24 0.68 -0.70
N GLN A 27 -30.91 0.19 0.50
CA GLN A 27 -29.91 0.82 1.41
C GLN A 27 -28.53 0.83 0.73
N LEU A 28 -28.16 -0.29 0.11
CA LEU A 28 -26.85 -0.37 -0.57
C LEU A 28 -26.84 0.62 -1.73
N ALA A 29 -27.93 0.68 -2.51
CA ALA A 29 -27.98 1.52 -3.73
C ALA A 29 -27.89 2.99 -3.33
N ALA A 30 -28.52 3.36 -2.22
CA ALA A 30 -28.51 4.75 -1.69
C ALA A 30 -27.06 5.13 -1.38
N HIS A 31 -26.30 4.22 -0.76
CA HIS A 31 -24.89 4.47 -0.35
C HIS A 31 -24.01 4.85 -1.54
N VAL A 32 -24.20 4.27 -2.73
CA VAL A 32 -23.30 4.48 -3.91
C VAL A 32 -24.01 5.27 -5.03
N GLY A 33 -25.20 5.78 -4.79
CA GLY A 33 -26.01 6.46 -5.82
C GLY A 33 -26.39 5.55 -6.98
N ALA A 34 -26.75 4.28 -6.73
CA ALA A 34 -27.13 3.33 -7.81
C ALA A 34 -28.63 3.45 -8.08
N GLU A 35 -29.03 3.07 -9.27
CA GLU A 35 -30.45 2.87 -9.63
C GLU A 35 -30.70 1.37 -9.57
N VAL A 36 -31.68 0.97 -8.76
CA VAL A 36 -32.07 -0.45 -8.60
C VAL A 36 -33.03 -0.79 -9.72
N ARG A 37 -32.64 -1.70 -10.60
CA ARG A 37 -33.54 -2.26 -11.64
C ARG A 37 -33.99 -3.63 -11.18
N GLY A 38 -35.06 -3.67 -10.39
CA GLY A 38 -35.58 -4.84 -9.69
C GLY A 38 -36.12 -4.41 -8.33
N ASP A 39 -36.28 -5.34 -7.39
CA ASP A 39 -36.90 -5.05 -6.06
C ASP A 39 -35.81 -4.56 -5.11
N ALA A 40 -36.00 -3.36 -4.57
CA ALA A 40 -35.07 -2.71 -3.62
C ALA A 40 -35.14 -3.38 -2.24
N ASP A 41 -36.15 -4.23 -1.94
CA ASP A 41 -36.32 -4.74 -0.57
C ASP A 41 -35.50 -6.03 -0.34
N LEU A 42 -34.80 -6.55 -1.36
CA LEU A 42 -34.06 -7.81 -1.19
C LEU A 42 -32.97 -7.64 -0.14
N PRO A 43 -32.95 -8.46 0.92
CA PRO A 43 -31.90 -8.39 1.93
C PRO A 43 -30.57 -8.99 1.42
N ILE A 44 -29.48 -8.32 1.74
CA ILE A 44 -28.11 -8.76 1.31
C ILE A 44 -27.24 -8.90 2.56
N GLN A 45 -26.53 -10.04 2.66
N GLN A 45 -26.50 -10.02 2.70
CA GLN A 45 -25.71 -10.46 3.82
CA GLN A 45 -25.64 -10.24 3.88
C GLN A 45 -24.19 -10.34 3.48
C GLN A 45 -24.15 -10.29 3.49
N GLY A 46 -23.84 -10.12 2.22
CA GLY A 46 -22.42 -9.92 1.85
C GLY A 46 -22.18 -9.68 0.39
N LEU A 47 -20.88 -9.67 0.03
CA LEU A 47 -20.39 -9.42 -1.29
C LEU A 47 -19.57 -10.62 -1.74
N ALA A 48 -19.57 -10.83 -3.02
CA ALA A 48 -18.90 -11.97 -3.65
C ALA A 48 -18.61 -11.68 -5.09
N THR A 49 -17.60 -12.35 -5.62
CA THR A 49 -17.29 -12.33 -7.06
C THR A 49 -18.39 -13.08 -7.81
N LEU A 50 -18.51 -12.84 -9.11
CA LEU A 50 -19.62 -13.38 -9.93
C LEU A 50 -19.67 -14.91 -9.82
N GLN A 51 -18.54 -15.60 -9.76
CA GLN A 51 -18.55 -17.10 -9.80
C GLN A 51 -18.82 -17.68 -8.43
N GLU A 52 -18.61 -16.91 -7.34
CA GLU A 52 -18.70 -17.45 -5.98
C GLU A 52 -20.06 -17.07 -5.40
N ALA A 53 -20.70 -16.05 -5.97
CA ALA A 53 -21.86 -15.37 -5.28
C ALA A 53 -23.05 -16.31 -5.24
N GLY A 54 -23.74 -16.28 -4.11
CA GLY A 54 -25.07 -16.88 -3.94
C GLY A 54 -26.14 -15.82 -3.82
N PRO A 55 -27.40 -16.26 -3.66
CA PRO A 55 -28.53 -15.35 -3.75
C PRO A 55 -28.64 -14.29 -2.64
N ALA A 56 -27.95 -14.45 -1.52
CA ALA A 56 -27.94 -13.46 -0.41
C ALA A 56 -26.77 -12.48 -0.56
N GLN A 57 -26.07 -12.52 -1.69
CA GLN A 57 -24.83 -11.69 -1.89
C GLN A 57 -24.99 -10.78 -3.10
N LEU A 58 -24.42 -9.58 -2.99
CA LEU A 58 -24.28 -8.63 -4.10
C LEU A 58 -22.94 -8.88 -4.78
N SER A 59 -22.94 -8.89 -6.08
CA SER A 59 -21.70 -9.02 -6.88
C SER A 59 -21.52 -7.79 -7.74
N PHE A 60 -20.53 -7.85 -8.63
CA PHE A 60 -20.12 -6.70 -9.46
C PHE A 60 -19.43 -7.24 -10.69
N LEU A 61 -19.55 -6.53 -11.80
CA LEU A 61 -18.75 -6.82 -13.01
C LEU A 61 -17.89 -5.61 -13.30
N ALA A 62 -16.58 -5.75 -13.08
CA ALA A 62 -15.55 -4.70 -13.31
C ALA A 62 -14.76 -5.02 -14.57
N ASN A 63 -14.30 -6.26 -14.69
CA ASN A 63 -13.35 -6.71 -15.75
C ASN A 63 -14.15 -7.35 -16.89
N PRO A 64 -14.10 -6.80 -18.12
CA PRO A 64 -14.68 -7.44 -19.31
C PRO A 64 -14.37 -8.94 -19.50
N GLN A 65 -13.28 -9.44 -18.92
CA GLN A 65 -12.87 -10.87 -18.97
C GLN A 65 -13.88 -11.75 -18.20
N TYR A 66 -14.60 -11.21 -17.21
CA TYR A 66 -15.49 -11.99 -16.30
C TYR A 66 -16.95 -11.91 -16.76
N ARG A 67 -17.20 -11.17 -17.84
CA ARG A 67 -18.53 -10.97 -18.46
C ARG A 67 -19.16 -12.33 -18.85
N LYS A 68 -18.33 -13.31 -19.23
CA LYS A 68 -18.75 -14.72 -19.51
C LYS A 68 -19.64 -15.21 -18.36
N TYR A 69 -19.28 -14.89 -17.10
CA TYR A 69 -19.85 -15.51 -15.88
C TYR A 69 -21.08 -14.74 -15.38
N LEU A 70 -21.48 -13.66 -16.06
CA LEU A 70 -22.58 -12.78 -15.58
C LEU A 70 -23.93 -13.51 -15.65
N PRO A 71 -24.36 -14.08 -16.79
CA PRO A 71 -25.72 -14.64 -16.87
C PRO A 71 -25.91 -15.89 -15.99
N GLU A 72 -24.85 -16.63 -15.66
CA GLU A 72 -24.88 -17.89 -14.86
C GLU A 72 -24.67 -17.61 -13.35
N SER A 73 -24.26 -16.39 -12.97
CA SER A 73 -23.98 -16.02 -11.56
C SER A 73 -25.23 -16.27 -10.71
N ARG A 74 -25.07 -16.81 -9.52
N ARG A 74 -25.04 -16.83 -9.53
CA ARG A 74 -26.21 -17.03 -8.59
CA ARG A 74 -26.14 -17.06 -8.54
C ARG A 74 -26.39 -15.79 -7.68
C ARG A 74 -26.23 -15.87 -7.56
N ALA A 75 -25.65 -14.70 -7.91
CA ALA A 75 -25.71 -13.49 -7.04
C ALA A 75 -27.17 -13.03 -6.93
N GLY A 76 -27.52 -12.49 -5.78
CA GLY A 76 -28.85 -11.88 -5.63
C GLY A 76 -29.02 -10.65 -6.50
N ALA A 77 -27.93 -9.91 -6.72
CA ALA A 77 -27.92 -8.70 -7.55
C ALA A 77 -26.48 -8.41 -7.94
N VAL A 78 -26.31 -7.56 -8.95
CA VAL A 78 -24.98 -7.25 -9.50
C VAL A 78 -24.89 -5.75 -9.75
N LEU A 79 -23.80 -5.13 -9.27
CA LEU A 79 -23.38 -3.77 -9.66
C LEU A 79 -22.90 -3.80 -11.12
N LEU A 80 -23.52 -2.99 -11.99
CA LEU A 80 -23.30 -3.02 -13.46
C LEU A 80 -23.29 -1.59 -13.99
N THR A 81 -22.58 -1.37 -15.08
CA THR A 81 -22.76 -0.17 -15.94
C THR A 81 -24.13 -0.27 -16.64
N ALA A 82 -24.72 0.88 -17.01
CA ALA A 82 -25.96 0.96 -17.84
C ALA A 82 -25.85 -0.02 -19.02
N ALA A 83 -24.69 -0.05 -19.69
CA ALA A 83 -24.37 -0.94 -20.84
C ALA A 83 -24.61 -2.41 -20.49
N ASP A 84 -23.97 -2.91 -19.44
CA ASP A 84 -24.00 -4.35 -19.05
C ASP A 84 -25.36 -4.72 -18.42
N ALA A 85 -26.15 -3.73 -18.00
CA ALA A 85 -27.50 -3.95 -17.42
C ALA A 85 -28.53 -4.21 -18.53
N ASP A 86 -28.31 -3.72 -19.75
CA ASP A 86 -29.18 -3.97 -20.93
C ASP A 86 -29.08 -5.45 -21.33
N GLY A 87 -30.20 -6.18 -21.33
CA GLY A 87 -30.27 -7.61 -21.68
C GLY A 87 -30.08 -8.53 -20.48
N PHE A 88 -29.67 -7.99 -19.32
CA PHE A 88 -29.40 -8.76 -18.07
C PHE A 88 -30.73 -9.11 -17.41
N ALA A 89 -30.90 -10.37 -17.01
CA ALA A 89 -32.18 -10.93 -16.50
C ALA A 89 -32.35 -10.67 -15.00
N GLY A 90 -31.26 -10.56 -14.23
CA GLY A 90 -31.31 -10.42 -12.75
C GLY A 90 -31.62 -9.00 -12.31
N THR A 91 -31.50 -8.71 -10.99
CA THR A 91 -31.56 -7.34 -10.44
C THR A 91 -30.19 -6.68 -10.62
N ALA A 92 -30.15 -5.57 -11.32
CA ALA A 92 -28.93 -4.74 -11.52
C ALA A 92 -29.00 -3.54 -10.57
N LEU A 93 -27.86 -3.19 -9.98
CA LEU A 93 -27.64 -1.87 -9.37
C LEU A 93 -26.75 -1.08 -10.32
N VAL A 94 -27.33 -0.09 -11.01
CA VAL A 94 -26.66 0.56 -12.17
C VAL A 94 -25.88 1.76 -11.64
N VAL A 95 -24.56 1.74 -11.90
CA VAL A 95 -23.58 2.77 -11.47
C VAL A 95 -22.62 3.07 -12.63
N ALA A 96 -22.01 4.25 -12.59
CA ALA A 96 -20.90 4.64 -13.48
C ALA A 96 -19.75 3.61 -13.35
N ASN A 97 -19.38 3.22 -12.12
CA ASN A 97 -18.11 2.48 -11.85
C ASN A 97 -18.35 1.38 -10.82
N PRO A 98 -18.71 0.16 -11.27
CA PRO A 98 -18.98 -0.96 -10.35
C PRO A 98 -17.84 -1.26 -9.38
N TYR A 99 -16.59 -1.14 -9.82
CA TYR A 99 -15.44 -1.45 -8.94
C TYR A 99 -15.38 -0.45 -7.79
N LEU A 100 -15.58 0.85 -8.07
CA LEU A 100 -15.53 1.88 -7.03
C LEU A 100 -16.71 1.71 -6.09
N ALA A 101 -17.88 1.30 -6.63
CA ALA A 101 -19.07 1.08 -5.80
C ALA A 101 -18.82 -0.12 -4.87
N TYR A 102 -18.30 -1.20 -5.40
CA TYR A 102 -17.84 -2.32 -4.54
C TYR A 102 -16.89 -1.83 -3.44
N ALA A 103 -15.88 -1.04 -3.82
CA ALA A 103 -14.91 -0.53 -2.84
C ALA A 103 -15.64 0.21 -1.71
N SER A 104 -16.63 1.02 -2.04
CA SER A 104 -17.37 1.78 -1.02
C SER A 104 -18.24 0.84 -0.15
N LEU A 105 -18.91 -0.12 -0.77
CA LEU A 105 -19.85 -1.02 -0.07
C LEU A 105 -19.11 -2.02 0.83
N SER A 106 -17.87 -2.36 0.50
CA SER A 106 -17.12 -3.36 1.28
C SER A 106 -17.10 -2.99 2.75
N HIS A 107 -17.00 -1.70 3.07
CA HIS A 107 -16.87 -1.21 4.45
C HIS A 107 -18.14 -1.53 5.23
N LEU A 108 -19.28 -1.61 4.57
CA LEU A 108 -20.54 -1.91 5.28
C LEU A 108 -20.60 -3.35 5.79
N PHE A 109 -19.76 -4.23 5.24
CA PHE A 109 -19.73 -5.65 5.63
C PHE A 109 -18.44 -6.04 6.37
N ASP A 110 -17.65 -5.07 6.76
CA ASP A 110 -16.42 -5.32 7.53
C ASP A 110 -16.78 -5.74 8.95
N ARG A 111 -16.29 -6.90 9.40
CA ARG A 111 -16.49 -7.36 10.80
C ARG A 111 -15.29 -7.05 11.68
N LYS A 112 -14.37 -6.16 11.30
CA LYS A 112 -13.25 -5.79 12.20
C LYS A 112 -13.83 -5.14 13.45
N PRO A 113 -13.42 -5.59 14.62
CA PRO A 113 -13.85 -4.96 15.86
C PRO A 113 -13.49 -3.48 15.93
N LYS A 114 -14.37 -2.66 16.51
CA LYS A 114 -14.12 -1.22 16.74
C LYS A 114 -14.14 -1.02 18.25
N ALA A 115 -13.10 -0.42 18.80
CA ALA A 115 -12.96 -0.16 20.24
C ALA A 115 -13.80 1.08 20.60
N ALA A 116 -14.42 1.08 21.78
CA ALA A 116 -15.08 2.28 22.31
C ALA A 116 -14.01 3.28 22.76
N ALA A 117 -14.35 4.56 22.78
CA ALA A 117 -13.49 5.64 23.28
C ALA A 117 -13.08 5.32 24.71
N GLY A 118 -11.86 5.66 25.08
CA GLY A 118 -11.33 5.45 26.42
C GLY A 118 -9.94 4.88 26.42
N ILE A 119 -9.30 4.90 27.56
CA ILE A 119 -7.92 4.39 27.76
C ILE A 119 -7.98 3.16 28.64
N HIS A 120 -7.48 2.04 28.14
CA HIS A 120 -7.47 0.78 28.91
C HIS A 120 -6.71 1.02 30.21
N PRO A 121 -7.21 0.48 31.35
CA PRO A 121 -6.51 0.66 32.62
C PRO A 121 -5.02 0.26 32.61
N THR A 122 -4.60 -0.66 31.74
CA THR A 122 -3.19 -1.14 31.69
C THR A 122 -2.35 -0.28 30.73
N ALA A 123 -2.95 0.63 29.98
CA ALA A 123 -2.18 1.52 29.12
C ALA A 123 -1.40 2.48 30.00
N ILE A 124 -0.20 2.83 29.59
CA ILE A 124 0.66 3.78 30.32
C ILE A 124 0.76 5.05 29.50
N VAL A 125 0.25 6.14 30.02
CA VAL A 125 0.18 7.42 29.30
C VAL A 125 0.94 8.46 30.11
N ALA A 126 2.03 8.98 29.58
CA ALA A 126 2.83 10.04 30.22
C ALA A 126 1.89 11.18 30.63
N ALA A 127 2.19 11.82 31.75
CA ALA A 127 1.36 12.92 32.29
C ALA A 127 1.28 14.06 31.27
N ASP A 128 2.34 14.32 30.49
CA ASP A 128 2.38 15.44 29.50
C ASP A 128 2.16 14.92 28.07
N ALA A 129 1.63 13.70 27.91
CA ALA A 129 1.01 13.26 26.65
C ALA A 129 -0.42 13.78 26.62
N GLU A 130 -0.96 14.09 25.44
CA GLU A 130 -2.38 14.49 25.28
C GLU A 130 -3.12 13.47 24.44
N VAL A 131 -4.12 12.85 25.01
CA VAL A 131 -5.01 11.89 24.32
C VAL A 131 -6.39 12.53 24.23
N ASP A 132 -6.88 12.74 23.01
CA ASP A 132 -8.26 13.23 22.80
C ASP A 132 -9.22 12.27 23.52
N PRO A 133 -10.25 12.78 24.25
CA PRO A 133 -11.22 11.90 24.90
C PRO A 133 -12.02 10.98 23.97
N SER A 134 -12.10 11.25 22.66
CA SER A 134 -12.79 10.37 21.67
C SER A 134 -11.83 9.27 21.14
N ALA A 135 -10.58 9.28 21.55
CA ALA A 135 -9.60 8.24 21.11
C ALA A 135 -9.77 6.98 21.95
N SER A 136 -9.37 5.82 21.40
CA SER A 136 -9.31 4.56 22.14
C SER A 136 -7.84 4.14 22.23
N VAL A 137 -7.39 3.75 23.42
CA VAL A 137 -6.01 3.27 23.68
C VAL A 137 -6.11 1.88 24.29
N GLY A 138 -5.59 0.86 23.59
CA GLY A 138 -5.72 -0.52 24.00
C GLY A 138 -4.81 -0.93 25.14
N ALA A 139 -5.01 -2.17 25.57
CA ALA A 139 -4.32 -2.82 26.68
C ALA A 139 -2.81 -2.83 26.44
N TYR A 140 -2.06 -2.42 27.43
CA TYR A 140 -0.59 -2.53 27.46
C TYR A 140 0.04 -1.64 26.39
N ALA A 141 -0.68 -0.63 25.90
CA ALA A 141 -0.09 0.43 25.08
C ALA A 141 0.76 1.36 25.94
N VAL A 142 1.80 1.94 25.36
CA VAL A 142 2.68 2.92 26.06
C VAL A 142 2.70 4.21 25.26
N ILE A 143 2.25 5.33 25.83
CA ILE A 143 2.24 6.63 25.14
C ILE A 143 3.25 7.51 25.86
N GLU A 144 4.32 7.95 25.19
CA GLU A 144 5.43 8.64 25.88
C GLU A 144 5.18 10.15 25.99
N SER A 145 6.11 10.84 26.68
CA SER A 145 6.13 12.29 26.98
C SER A 145 5.88 13.12 25.71
N GLY A 146 4.91 14.02 25.74
CA GLY A 146 4.73 15.00 24.65
C GLY A 146 3.97 14.45 23.46
N ALA A 147 3.60 13.15 23.49
CA ALA A 147 2.89 12.56 22.34
C ALA A 147 1.48 13.19 22.29
N ARG A 148 0.90 13.25 21.10
N ARG A 148 0.89 13.27 21.10
CA ARG A 148 -0.44 13.82 20.86
CA ARG A 148 -0.45 13.87 20.86
C ARG A 148 -1.26 12.81 20.06
C ARG A 148 -1.30 12.92 20.02
N ILE A 149 -2.38 12.36 20.61
CA ILE A 149 -3.29 11.41 19.94
C ILE A 149 -4.59 12.15 19.64
N GLY A 150 -4.93 12.29 18.36
CA GLY A 150 -6.03 13.14 17.88
C GLY A 150 -7.40 12.50 18.09
N ALA A 151 -8.44 13.22 17.72
CA ALA A 151 -9.82 12.74 17.88
C ALA A 151 -10.07 11.50 17.01
N GLY A 152 -10.78 10.52 17.54
CA GLY A 152 -11.31 9.37 16.80
C GLY A 152 -10.18 8.41 16.44
N VAL A 153 -9.01 8.61 17.02
CA VAL A 153 -7.85 7.69 16.79
C VAL A 153 -8.03 6.42 17.62
N SER A 154 -7.68 5.29 17.03
CA SER A 154 -7.75 3.96 17.67
C SER A 154 -6.31 3.45 17.76
N ILE A 155 -5.78 3.30 18.96
CA ILE A 155 -4.41 2.75 19.21
C ILE A 155 -4.58 1.33 19.70
N GLY A 156 -4.12 0.32 18.96
CA GLY A 156 -4.29 -1.08 19.37
C GLY A 156 -3.49 -1.50 20.59
N ALA A 157 -3.81 -2.67 21.12
CA ALA A 157 -3.05 -3.29 22.23
C ALA A 157 -1.55 -3.35 21.89
N HIS A 158 -0.70 -3.08 22.88
CA HIS A 158 0.75 -3.23 22.80
C HIS A 158 1.42 -2.21 21.84
N CYS A 159 0.71 -1.19 21.37
CA CYS A 159 1.37 -0.09 20.64
C CYS A 159 2.33 0.68 21.53
N VAL A 160 3.40 1.18 20.96
CA VAL A 160 4.34 2.10 21.65
C VAL A 160 4.42 3.37 20.83
N ILE A 161 4.13 4.52 21.43
CA ILE A 161 4.07 5.83 20.74
C ILE A 161 5.14 6.72 21.36
N GLY A 162 6.25 6.91 20.67
CA GLY A 162 7.41 7.57 21.22
C GLY A 162 7.19 9.04 21.55
N ALA A 163 8.18 9.58 22.20
CA ALA A 163 8.20 10.97 22.73
C ALA A 163 7.93 11.96 21.60
N ARG A 164 6.97 12.86 21.83
CA ARG A 164 6.64 14.00 20.93
C ARG A 164 5.98 13.56 19.63
N SER A 165 5.65 12.29 19.48
CA SER A 165 5.03 11.83 18.22
C SER A 165 3.55 12.20 18.18
N VAL A 166 3.03 12.38 16.99
CA VAL A 166 1.68 12.94 16.74
C VAL A 166 0.91 12.02 15.81
N ILE A 167 -0.34 11.73 16.13
CA ILE A 167 -1.24 10.99 15.23
C ILE A 167 -2.51 11.83 15.06
N GLY A 168 -2.78 12.20 13.83
CA GLY A 168 -3.93 13.03 13.46
C GLY A 168 -5.25 12.32 13.55
N GLU A 169 -6.32 13.12 13.49
CA GLU A 169 -7.67 12.60 13.71
C GLU A 169 -7.97 11.43 12.76
N GLY A 170 -8.75 10.48 13.26
CA GLY A 170 -9.31 9.37 12.49
C GLY A 170 -8.26 8.28 12.20
N GLY A 171 -7.08 8.38 12.79
CA GLY A 171 -6.01 7.38 12.59
C GLY A 171 -6.41 6.01 13.17
N TRP A 172 -5.91 4.92 12.61
CA TRP A 172 -6.17 3.56 13.11
C TRP A 172 -4.81 2.85 13.16
N LEU A 173 -4.38 2.42 14.33
CA LEU A 173 -3.15 1.59 14.52
C LEU A 173 -3.60 0.24 15.00
N ALA A 174 -3.25 -0.79 14.27
CA ALA A 174 -3.42 -2.17 14.71
C ALA A 174 -2.66 -2.39 15.99
N PRO A 175 -2.87 -3.54 16.67
CA PRO A 175 -2.00 -3.92 17.78
C PRO A 175 -0.52 -3.97 17.35
N ARG A 176 0.38 -3.61 18.26
CA ARG A 176 1.83 -3.87 18.11
C ARG A 176 2.42 -3.00 16.97
N VAL A 177 2.02 -1.76 16.85
CA VAL A 177 2.71 -0.74 16.03
C VAL A 177 3.70 0.03 16.91
N THR A 178 4.90 0.33 16.43
CA THR A 178 5.93 1.07 17.18
C THR A 178 6.17 2.38 16.45
N LEU A 179 5.98 3.53 17.10
CA LEU A 179 6.48 4.83 16.60
C LEU A 179 7.63 5.22 17.53
N TYR A 180 8.78 5.53 16.97
CA TYR A 180 9.89 6.15 17.71
C TYR A 180 9.46 7.59 18.02
N HIS A 181 10.37 8.29 18.65
CA HIS A 181 10.20 9.72 18.95
C HIS A 181 10.15 10.56 17.69
N ASP A 182 9.49 11.74 17.74
CA ASP A 182 9.50 12.78 16.67
C ASP A 182 8.99 12.22 15.33
N VAL A 183 7.94 11.40 15.39
CA VAL A 183 7.16 10.96 14.22
C VAL A 183 5.87 11.75 14.18
N THR A 184 5.66 12.49 13.12
CA THR A 184 4.43 13.28 12.93
C THR A 184 3.57 12.66 11.84
N ILE A 185 2.35 12.28 12.16
CA ILE A 185 1.41 11.63 11.22
C ILE A 185 0.19 12.51 11.08
N GLY A 186 -0.22 12.69 9.83
CA GLY A 186 -1.46 13.40 9.46
C GLY A 186 -2.69 12.60 9.75
N ALA A 187 -3.79 13.01 9.15
CA ALA A 187 -5.12 12.49 9.49
C ALA A 187 -5.33 11.15 8.82
N ARG A 188 -6.22 10.33 9.37
CA ARG A 188 -6.78 9.12 8.74
C ARG A 188 -5.64 8.14 8.33
N VAL A 189 -4.62 8.02 9.15
CA VAL A 189 -3.56 6.98 8.86
C VAL A 189 -4.22 5.62 9.09
N SER A 190 -3.71 4.59 8.42
CA SER A 190 -4.05 3.17 8.71
C SER A 190 -2.72 2.43 8.80
N ILE A 191 -2.40 1.86 9.93
CA ILE A 191 -1.09 1.18 10.11
C ILE A 191 -1.36 -0.23 10.63
N GLN A 192 -0.93 -1.26 9.88
CA GLN A 192 -1.07 -2.65 10.27
C GLN A 192 0.01 -3.10 11.27
N SER A 193 -0.24 -4.24 11.90
N SER A 193 -0.24 -4.25 11.86
CA SER A 193 0.57 -4.73 13.02
CA SER A 193 0.56 -4.79 12.96
C SER A 193 2.04 -4.92 12.60
C SER A 193 2.05 -4.93 12.59
N GLY A 194 2.96 -4.64 13.53
CA GLY A 194 4.37 -4.89 13.34
C GLY A 194 5.10 -3.79 12.64
N ALA A 195 4.42 -2.79 12.14
CA ALA A 195 5.08 -1.66 11.49
C ALA A 195 5.96 -0.95 12.53
N VAL A 196 7.09 -0.47 12.06
CA VAL A 196 8.06 0.28 12.85
C VAL A 196 8.34 1.58 12.14
N ILE A 197 7.98 2.70 12.74
CA ILE A 197 8.10 4.01 12.10
C ILE A 197 9.09 4.86 12.91
N GLY A 198 10.14 5.33 12.26
CA GLY A 198 11.12 6.21 12.93
C GLY A 198 12.29 5.49 13.50
N GLY A 199 12.57 4.27 13.07
CA GLY A 199 13.76 3.58 13.54
C GLY A 199 15.04 4.21 12.99
N GLU A 200 16.17 3.89 13.58
CA GLU A 200 17.48 4.38 13.12
C GLU A 200 17.94 3.49 11.96
N GLY A 201 18.13 4.08 10.81
CA GLY A 201 18.58 3.37 9.63
C GLY A 201 20.09 3.21 9.64
N PHE A 202 20.60 2.47 8.67
CA PHE A 202 22.03 2.23 8.47
C PHE A 202 22.69 3.58 8.18
N GLY A 203 23.33 4.12 9.18
CA GLY A 203 24.05 5.38 9.09
C GLY A 203 25.40 5.22 9.78
N PHE A 204 26.41 4.88 9.00
CA PHE A 204 27.77 4.60 9.52
C PHE A 204 28.79 5.28 8.62
N ALA A 205 29.84 5.77 9.23
CA ALA A 205 31.08 6.28 8.59
C ALA A 205 32.16 5.21 8.76
N ASN A 206 32.93 4.92 7.72
CA ASN A 206 34.00 3.91 7.75
C ASN A 206 35.32 4.60 8.15
N GLU A 207 35.91 4.19 9.27
CA GLU A 207 37.27 4.60 9.70
C GLU A 207 38.22 3.39 9.60
N LYS A 208 38.98 3.30 8.50
CA LYS A 208 39.97 2.24 8.15
C LYS A 208 39.37 0.85 8.43
N GLY A 209 38.15 0.62 7.95
CA GLY A 209 37.50 -0.70 8.05
C GLY A 209 36.54 -0.82 9.24
N VAL A 210 36.55 0.12 10.18
CA VAL A 210 35.67 0.04 11.37
C VAL A 210 34.52 1.02 11.21
N TRP A 211 33.28 0.55 11.28
CA TRP A 211 32.10 1.41 11.08
C TRP A 211 31.80 2.25 12.34
N GLN A 212 31.57 3.55 12.16
CA GLN A 212 31.31 4.51 13.27
C GLN A 212 29.88 5.02 13.11
N LYS A 213 29.09 4.86 14.14
CA LYS A 213 27.65 5.19 14.09
C LYS A 213 27.49 6.70 13.88
N ILE A 214 26.58 7.06 13.01
CA ILE A 214 26.07 8.46 12.82
C ILE A 214 24.71 8.50 13.49
N ALA A 215 24.54 9.33 14.48
CA ALA A 215 23.23 9.47 15.13
C ALA A 215 22.23 9.96 14.11
N GLN A 216 21.02 9.40 14.15
CA GLN A 216 19.94 9.70 13.18
C GLN A 216 18.98 10.65 13.85
N ILE A 217 19.19 11.95 13.65
CA ILE A 217 18.58 13.01 14.51
C ILE A 217 17.51 13.78 13.75
N GLY A 218 17.10 13.33 12.54
CA GLY A 218 15.85 13.75 11.92
C GLY A 218 14.68 12.93 12.42
N GLY A 219 13.50 13.24 11.93
CA GLY A 219 12.29 12.53 12.31
C GLY A 219 11.61 11.94 11.11
N VAL A 220 10.31 11.79 11.18
CA VAL A 220 9.47 11.30 10.06
C VAL A 220 8.27 12.23 9.97
N THR A 221 7.89 12.64 8.78
CA THR A 221 6.64 13.38 8.54
C THR A 221 5.82 12.53 7.57
N ILE A 222 4.63 12.13 7.99
CA ILE A 222 3.65 11.38 7.19
C ILE A 222 2.43 12.25 6.99
N GLY A 223 1.97 12.32 5.76
CA GLY A 223 0.76 13.05 5.34
C GLY A 223 -0.53 12.42 5.76
N ASP A 224 -1.61 12.90 5.12
CA ASP A 224 -2.97 12.40 5.39
C ASP A 224 -3.29 11.19 4.51
N ASP A 225 -4.19 10.33 4.97
CA ASP A 225 -4.78 9.19 4.22
C ASP A 225 -3.66 8.25 3.74
N VAL A 226 -2.71 8.02 4.60
CA VAL A 226 -1.58 7.08 4.29
C VAL A 226 -1.88 5.73 4.87
N GLU A 227 -1.58 4.66 4.14
CA GLU A 227 -1.69 3.27 4.61
C GLU A 227 -0.29 2.68 4.70
N ILE A 228 -0.03 1.97 5.76
CA ILE A 228 1.27 1.31 6.02
C ILE A 228 0.99 -0.14 6.39
N GLY A 229 1.55 -1.06 5.63
CA GLY A 229 1.25 -2.48 5.88
C GLY A 229 2.09 -3.15 6.94
N ALA A 230 1.77 -4.41 7.15
CA ALA A 230 2.30 -5.19 8.27
C ALA A 230 3.81 -5.37 8.14
N ASN A 231 4.51 -5.18 9.24
CA ASN A 231 5.97 -5.35 9.35
C ASN A 231 6.72 -4.43 8.38
N THR A 232 6.12 -3.33 7.97
CA THR A 232 6.82 -2.32 7.16
C THR A 232 7.65 -1.44 8.07
N THR A 233 8.82 -1.05 7.63
CA THR A 233 9.74 -0.19 8.41
C THR A 233 9.97 1.11 7.65
N ILE A 234 9.91 2.24 8.35
CA ILE A 234 10.18 3.56 7.75
C ILE A 234 11.19 4.27 8.66
N ASP A 235 12.39 4.43 8.20
CA ASP A 235 13.48 5.01 9.03
C ASP A 235 13.28 6.51 9.20
N ARG A 236 13.71 6.98 10.34
CA ARG A 236 13.84 8.44 10.55
C ARG A 236 14.92 9.02 9.68
N GLY A 237 14.89 10.35 9.50
CA GLY A 237 15.91 11.06 8.75
C GLY A 237 17.21 11.20 9.54
N ALA A 238 18.29 11.35 8.82
CA ALA A 238 19.63 11.54 9.42
C ALA A 238 19.72 12.96 9.99
N LEU A 239 19.22 13.93 9.25
CA LEU A 239 19.26 15.38 9.63
C LEU A 239 17.87 16.02 9.49
N SER A 240 17.35 16.10 8.30
CA SER A 240 15.94 16.45 8.05
C SER A 240 15.07 15.17 8.11
N ASP A 241 13.80 15.32 7.87
CA ASP A 241 12.83 14.20 8.06
C ASP A 241 12.80 13.32 6.79
N THR A 242 12.50 12.04 7.01
CA THR A 242 11.90 11.19 5.99
C THR A 242 10.46 11.66 5.74
N LEU A 243 10.06 11.80 4.49
CA LEU A 243 8.79 12.45 4.09
C LEU A 243 7.92 11.49 3.31
N ILE A 244 6.70 11.29 3.76
CA ILE A 244 5.71 10.46 3.04
C ILE A 244 4.51 11.37 2.75
N GLY A 245 4.16 11.56 1.50
CA GLY A 245 3.09 12.48 1.09
C GLY A 245 1.69 11.98 1.41
N ASN A 246 0.70 12.72 0.95
CA ASN A 246 -0.70 12.37 1.21
C ASN A 246 -1.10 11.25 0.29
N GLY A 247 -1.99 10.35 0.78
CA GLY A 247 -2.60 9.32 -0.04
C GLY A 247 -1.65 8.23 -0.47
N VAL A 248 -0.48 8.17 0.16
CA VAL A 248 0.52 7.13 -0.21
C VAL A 248 0.07 5.83 0.41
N LYS A 249 0.12 4.76 -0.37
CA LYS A 249 -0.33 3.45 0.08
C LYS A 249 0.87 2.50 0.05
N LEU A 250 1.27 1.99 1.20
CA LEU A 250 2.44 1.08 1.33
C LEU A 250 1.94 -0.28 1.80
N ASP A 251 2.28 -1.31 1.06
CA ASP A 251 1.92 -2.72 1.37
C ASP A 251 2.88 -3.25 2.45
N ASN A 252 2.82 -4.55 2.69
CA ASN A 252 3.57 -5.21 3.79
C ASN A 252 5.04 -5.39 3.48
N GLN A 253 5.85 -5.53 4.53
CA GLN A 253 7.28 -5.90 4.44
C GLN A 253 8.01 -4.93 3.51
N ILE A 254 7.64 -3.65 3.54
CA ILE A 254 8.38 -2.61 2.79
C ILE A 254 9.46 -2.03 3.70
N MET A 255 10.55 -1.64 3.12
CA MET A 255 11.63 -0.93 3.80
C MET A 255 11.80 0.43 3.13
N ILE A 256 11.53 1.52 3.87
CA ILE A 256 11.81 2.92 3.46
C ILE A 256 12.97 3.42 4.29
N ALA A 257 14.07 3.71 3.65
CA ALA A 257 15.31 4.15 4.31
C ALA A 257 15.27 5.62 4.68
N HIS A 258 16.29 6.01 5.45
CA HIS A 258 16.39 7.42 5.90
C HIS A 258 16.30 8.41 4.72
N ASN A 259 15.57 9.49 4.95
CA ASN A 259 15.50 10.68 4.07
C ASN A 259 14.91 10.39 2.72
N VAL A 260 14.21 9.26 2.56
CA VAL A 260 13.39 9.08 1.39
C VAL A 260 12.23 10.09 1.38
N GLN A 261 11.87 10.52 0.18
CA GLN A 261 10.69 11.37 -0.06
C GLN A 261 9.74 10.65 -1.02
N ILE A 262 8.48 10.47 -0.62
CA ILE A 262 7.48 9.76 -1.46
C ILE A 262 6.36 10.77 -1.74
N GLY A 263 6.18 11.04 -3.00
CA GLY A 263 5.15 11.99 -3.46
C GLY A 263 3.76 11.48 -3.23
N ASP A 264 2.81 12.43 -3.32
CA ASP A 264 1.41 12.12 -3.04
C ASP A 264 0.88 11.05 -4.00
N HIS A 265 0.02 10.17 -3.47
CA HIS A 265 -0.80 9.21 -4.22
C HIS A 265 0.06 8.09 -4.83
N THR A 266 1.30 7.94 -4.39
CA THR A 266 2.17 6.83 -4.85
C THR A 266 1.78 5.56 -4.10
N ALA A 267 1.83 4.44 -4.81
CA ALA A 267 1.53 3.11 -4.23
C ALA A 267 2.77 2.26 -4.35
N MET A 268 3.03 1.46 -3.31
CA MET A 268 4.19 0.51 -3.35
C MET A 268 3.71 -0.82 -2.86
N ALA A 269 3.89 -1.82 -3.70
CA ALA A 269 3.49 -3.19 -3.37
C ALA A 269 4.47 -3.81 -2.38
N ALA A 270 4.17 -5.02 -1.95
CA ALA A 270 4.92 -5.61 -0.84
C ALA A 270 6.38 -5.87 -1.18
N CYS A 271 7.23 -5.85 -0.15
CA CYS A 271 8.64 -6.29 -0.19
C CYS A 271 9.50 -5.31 -1.00
N VAL A 272 8.96 -4.13 -1.31
CA VAL A 272 9.73 -3.03 -1.92
C VAL A 272 10.77 -2.50 -0.93
N GLY A 273 11.94 -2.17 -1.43
CA GLY A 273 13.00 -1.55 -0.60
C GLY A 273 13.50 -0.27 -1.28
N ILE A 274 13.47 0.85 -0.58
CA ILE A 274 13.91 2.16 -1.13
C ILE A 274 15.12 2.62 -0.32
N SER A 275 16.26 2.74 -0.95
CA SER A 275 17.51 3.14 -0.27
C SER A 275 17.49 4.63 0.08
N GLY A 276 18.45 5.00 0.91
CA GLY A 276 18.49 6.33 1.52
C GLY A 276 18.46 7.45 0.51
N SER A 277 17.74 8.50 0.84
CA SER A 277 17.68 9.78 0.10
C SER A 277 17.06 9.64 -1.29
N ALA A 278 16.44 8.53 -1.67
CA ALA A 278 15.74 8.43 -2.95
C ALA A 278 14.49 9.30 -2.90
N LYS A 279 14.10 9.88 -4.03
CA LYS A 279 12.91 10.75 -4.15
C LYS A 279 11.99 10.16 -5.19
N ILE A 280 10.77 9.85 -4.82
CA ILE A 280 9.76 9.25 -5.75
C ILE A 280 8.65 10.29 -5.93
N GLY A 281 8.25 10.50 -7.18
CA GLY A 281 7.23 11.53 -7.47
C GLY A 281 5.83 11.07 -7.13
N ARG A 282 4.88 11.81 -7.68
N ARG A 282 4.87 11.83 -7.60
CA ARG A 282 3.44 11.61 -7.48
CA ARG A 282 3.44 11.61 -7.38
C ARG A 282 2.92 10.54 -8.40
C ARG A 282 2.92 10.57 -8.35
N HIS A 283 1.90 9.81 -7.94
CA HIS A 283 1.16 8.87 -8.77
C HIS A 283 2.08 7.83 -9.40
N CYS A 284 3.11 7.41 -8.68
CA CYS A 284 3.99 6.30 -9.10
C CYS A 284 3.42 4.98 -8.56
N MET A 285 3.84 3.88 -9.17
N MET A 285 3.78 3.89 -9.23
CA MET A 285 3.41 2.52 -8.72
CA MET A 285 3.46 2.52 -8.77
C MET A 285 4.62 1.59 -8.83
C MET A 285 4.77 1.74 -8.78
N LEU A 286 5.09 1.09 -7.67
CA LEU A 286 6.24 0.18 -7.61
C LEU A 286 5.70 -1.20 -7.29
N ALA A 287 5.84 -2.15 -8.22
CA ALA A 287 5.36 -3.52 -8.06
C ALA A 287 6.21 -4.25 -7.02
N GLY A 288 5.78 -5.42 -6.68
CA GLY A 288 6.36 -6.13 -5.54
C GLY A 288 7.81 -6.42 -5.71
N GLY A 289 8.58 -6.25 -4.64
CA GLY A 289 10.00 -6.61 -4.60
C GLY A 289 10.88 -5.64 -5.38
N VAL A 290 10.36 -4.52 -5.86
CA VAL A 290 11.22 -3.51 -6.51
C VAL A 290 12.25 -2.99 -5.48
N GLY A 291 13.48 -2.71 -5.94
CA GLY A 291 14.48 -2.00 -5.19
C GLY A 291 14.89 -0.70 -5.87
N LEU A 292 15.11 0.34 -5.11
CA LEU A 292 15.70 1.61 -5.62
C LEU A 292 17.00 1.85 -4.91
N VAL A 293 18.03 2.18 -5.68
CA VAL A 293 19.31 2.60 -5.06
C VAL A 293 19.13 3.97 -4.43
N GLY A 294 20.13 4.39 -3.65
CA GLY A 294 20.07 5.68 -2.96
C GLY A 294 20.26 6.86 -3.90
N HIS A 295 19.80 8.04 -3.47
CA HIS A 295 20.18 9.35 -4.06
C HIS A 295 19.74 9.47 -5.51
N ILE A 296 18.69 8.77 -5.91
CA ILE A 296 18.09 8.93 -7.26
C ILE A 296 16.71 9.52 -7.12
N GLU A 297 16.18 10.00 -8.23
CA GLU A 297 14.86 10.62 -8.32
C GLU A 297 14.06 9.92 -9.42
N ILE A 298 12.82 9.59 -9.11
CA ILE A 298 11.84 9.09 -10.08
C ILE A 298 10.79 10.19 -10.25
N CYS A 299 10.52 10.57 -11.49
CA CYS A 299 9.49 11.59 -11.80
C CYS A 299 8.08 11.04 -11.58
N ASP A 300 7.08 11.88 -11.74
CA ASP A 300 5.68 11.45 -11.60
C ASP A 300 5.29 10.37 -12.62
N ASN A 301 4.28 9.57 -12.31
CA ASN A 301 3.59 8.64 -13.23
C ASN A 301 4.58 7.62 -13.79
N VAL A 302 5.39 7.06 -12.91
CA VAL A 302 6.33 5.96 -13.26
C VAL A 302 5.79 4.68 -12.64
N PHE A 303 5.78 3.63 -13.44
CA PHE A 303 5.45 2.25 -13.01
C PHE A 303 6.71 1.41 -13.14
N VAL A 304 7.08 0.70 -12.08
CA VAL A 304 8.25 -0.21 -12.12
C VAL A 304 7.77 -1.63 -11.86
N THR A 305 8.08 -2.54 -12.75
CA THR A 305 7.53 -3.90 -12.68
C THR A 305 8.25 -4.71 -11.63
N GLY A 306 7.66 -5.84 -11.26
CA GLY A 306 8.13 -6.63 -10.11
C GLY A 306 9.62 -6.98 -10.15
N MET A 307 10.24 -6.88 -8.97
CA MET A 307 11.64 -7.31 -8.68
C MET A 307 12.65 -6.60 -9.60
N THR A 308 12.29 -5.45 -10.14
CA THR A 308 13.25 -4.59 -10.88
C THR A 308 14.19 -3.92 -9.88
N MET A 309 15.45 -3.77 -10.29
CA MET A 309 16.46 -2.97 -9.56
C MET A 309 16.60 -1.65 -10.31
N VAL A 310 16.18 -0.55 -9.72
CA VAL A 310 16.25 0.81 -10.29
C VAL A 310 17.57 1.43 -9.84
N THR A 311 18.47 1.65 -10.80
CA THR A 311 19.89 2.04 -10.55
C THR A 311 20.17 3.49 -10.89
N ARG A 312 19.20 4.21 -11.41
N ARG A 312 19.21 4.18 -11.49
CA ARG A 312 19.44 5.60 -11.84
CA ARG A 312 19.41 5.53 -12.10
C ARG A 312 18.12 6.34 -11.86
C ARG A 312 18.11 6.31 -12.03
N SER A 313 18.21 7.64 -11.93
CA SER A 313 17.04 8.53 -11.95
C SER A 313 16.21 8.25 -13.20
N ILE A 314 14.91 8.38 -13.05
CA ILE A 314 13.94 8.24 -14.17
C ILE A 314 13.32 9.61 -14.39
N THR A 315 13.47 10.14 -15.61
CA THR A 315 13.00 11.50 -15.94
C THR A 315 11.82 11.45 -16.92
N GLU A 316 11.47 10.27 -17.45
CA GLU A 316 10.36 10.11 -18.41
C GLU A 316 9.29 9.24 -17.77
N PRO A 317 8.01 9.68 -17.74
CA PRO A 317 6.94 8.81 -17.28
C PRO A 317 6.83 7.56 -18.16
N GLY A 318 6.30 6.50 -17.57
CA GLY A 318 6.04 5.22 -18.24
C GLY A 318 6.50 4.07 -17.37
N SER A 319 6.46 2.84 -17.91
N SER A 319 6.86 2.99 -18.00
CA SER A 319 6.87 1.57 -17.23
CA SER A 319 7.00 1.68 -17.34
C SER A 319 8.35 1.23 -17.47
C SER A 319 8.41 1.16 -17.54
N TYR A 320 9.00 0.60 -16.48
CA TYR A 320 10.42 0.24 -16.50
C TYR A 320 10.60 -1.12 -15.85
N SER A 321 11.58 -1.85 -16.34
CA SER A 321 11.77 -3.27 -15.95
C SER A 321 13.26 -3.61 -15.92
N SER A 322 13.61 -4.62 -15.15
CA SER A 322 14.90 -5.32 -15.25
C SER A 322 14.69 -6.80 -14.92
N GLY A 323 15.71 -7.60 -15.20
CA GLY A 323 15.68 -9.05 -14.96
C GLY A 323 15.60 -9.83 -16.23
N THR A 324 15.28 -11.11 -16.13
CA THR A 324 15.14 -11.98 -17.32
C THR A 324 13.83 -12.72 -17.22
N ALA A 325 13.41 -13.26 -18.34
CA ALA A 325 12.24 -14.17 -18.42
C ALA A 325 12.53 -15.46 -17.63
N MET A 326 11.51 -15.97 -16.96
CA MET A 326 11.58 -17.29 -16.31
C MET A 326 11.59 -18.35 -17.39
N GLN A 327 12.47 -19.32 -17.24
CA GLN A 327 12.52 -20.48 -18.15
C GLN A 327 12.60 -21.71 -17.25
N PRO A 328 12.32 -22.89 -17.81
CA PRO A 328 12.76 -24.12 -17.17
C PRO A 328 14.24 -24.05 -16.85
N ALA A 329 14.65 -24.57 -15.71
CA ALA A 329 15.99 -24.35 -15.17
C ALA A 329 17.05 -24.76 -16.19
N ALA A 330 16.91 -25.89 -16.87
CA ALA A 330 17.96 -26.32 -17.81
C ALA A 330 18.12 -25.33 -18.95
N GLU A 331 17.03 -24.74 -19.38
CA GLU A 331 17.05 -23.74 -20.48
C GLU A 331 17.62 -22.43 -19.94
N TRP A 332 17.21 -22.02 -18.75
CA TRP A 332 17.79 -20.84 -18.10
C TRP A 332 19.31 -20.97 -18.00
N LYS A 333 19.83 -22.12 -17.59
CA LYS A 333 21.27 -22.29 -17.37
C LYS A 333 22.01 -22.05 -18.70
N LYS A 334 21.44 -22.50 -19.79
CA LYS A 334 22.02 -22.27 -21.15
C LYS A 334 22.00 -20.78 -21.48
N SER A 335 20.89 -20.08 -21.21
CA SER A 335 20.79 -18.63 -21.49
C SER A 335 21.82 -17.88 -20.64
N ALA A 336 21.96 -18.24 -19.38
CA ALA A 336 22.88 -17.54 -18.44
C ALA A 336 24.35 -17.74 -18.88
N ALA A 337 24.69 -18.91 -19.39
CA ALA A 337 26.05 -19.22 -19.92
C ALA A 337 26.29 -18.35 -21.16
N ARG A 338 25.30 -18.21 -22.02
CA ARG A 338 25.45 -17.40 -23.26
C ARG A 338 25.60 -15.91 -22.90
N ILE A 339 24.89 -15.42 -21.88
CA ILE A 339 25.04 -14.02 -21.44
C ILE A 339 26.51 -13.76 -21.11
N ARG A 340 27.17 -14.66 -20.37
CA ARG A 340 28.59 -14.45 -20.03
C ARG A 340 29.49 -14.44 -21.28
N GLN A 341 29.04 -14.97 -22.40
CA GLN A 341 29.82 -15.06 -23.67
C GLN A 341 29.49 -13.89 -24.60
N LEU A 342 28.62 -12.96 -24.22
CA LEU A 342 28.10 -11.93 -25.16
C LEU A 342 29.21 -11.01 -25.67
N ASP A 343 30.17 -10.65 -24.84
CA ASP A 343 31.32 -9.82 -25.30
C ASP A 343 32.05 -10.56 -26.42
N ASP A 344 32.30 -11.85 -26.22
CA ASP A 344 32.96 -12.72 -27.24
C ASP A 344 32.07 -12.79 -28.48
N MET A 345 30.78 -12.99 -28.32
CA MET A 345 29.89 -13.11 -29.50
C MET A 345 29.89 -11.78 -30.26
N ALA A 346 29.87 -10.64 -29.58
CA ALA A 346 29.86 -9.30 -30.24
C ALA A 346 31.16 -9.14 -31.06
N ARG A 347 32.28 -9.59 -30.50
CA ARG A 347 33.61 -9.45 -31.15
C ARG A 347 33.62 -10.31 -32.41
N ARG A 348 33.07 -11.51 -32.33
CA ARG A 348 32.98 -12.49 -33.44
C ARG A 348 32.04 -11.94 -34.52
N LEU A 349 30.90 -11.37 -34.14
CA LEU A 349 29.98 -10.78 -35.13
C LEU A 349 30.68 -9.64 -35.87
N GLN A 350 31.47 -8.81 -35.18
CA GLN A 350 32.21 -7.68 -35.78
C GLN A 350 33.25 -8.23 -36.77
N GLN A 351 34.02 -9.25 -36.37
CA GLN A 351 35.06 -9.88 -37.24
C GLN A 351 34.37 -10.41 -38.50
N LEU A 352 33.19 -11.04 -38.36
CA LEU A 352 32.45 -11.66 -39.50
C LEU A 352 32.01 -10.58 -40.49
N GLU A 353 31.46 -9.47 -40.00
CA GLU A 353 31.04 -8.33 -40.86
C GLU A 353 32.25 -7.81 -41.65
N LYS A 354 33.41 -7.68 -41.00
CA LYS A 354 34.65 -7.13 -41.60
C LYS A 354 35.11 -8.12 -42.68
N ARG A 355 35.07 -9.42 -42.38
CA ARG A 355 35.49 -10.53 -43.28
C ARG A 355 34.57 -10.54 -44.51
N LEU A 356 33.24 -10.42 -44.36
CA LEU A 356 32.27 -10.45 -45.50
C LEU A 356 32.46 -9.21 -46.36
N ALA A 357 32.58 -8.03 -45.73
CA ALA A 357 32.87 -6.74 -46.40
C ALA A 357 34.11 -6.88 -47.33
N ALA A 358 35.13 -7.62 -46.89
CA ALA A 358 36.47 -7.72 -47.56
C ALA A 358 36.39 -8.58 -48.83
N VAL A 359 35.51 -9.59 -48.86
CA VAL A 359 35.45 -10.61 -49.95
C VAL A 359 34.71 -10.02 -51.17
#